data_5GNP
#
_entry.id   5GNP
#
_cell.length_a   84.239
_cell.length_b   84.239
_cell.length_c   149.865
_cell.angle_alpha   90.00
_cell.angle_beta   90.00
_cell.angle_gamma   120.00
#
_symmetry.space_group_name_H-M   'P 63 2 2'
#
loop_
_entity.id
_entity.type
_entity.pdbx_description
1 polymer 'Cell division protein ZapD'
2 non-polymer 'MALONATE ION'
3 water water
#
_entity_poly.entity_id   1
_entity_poly.type   'polypeptide(L)'
_entity_poly.pdbx_seq_one_letter_code
;TQVLFEHPLNEKMRTWLRIEFLIQQLSINLPIADHAGALHFFRNISDLLDVFERGEVRTELLKELERQQRKLQAWVEVPG
VDQDRIEALRQQLKSAGSVLISAPRIGQQLREDRLIALVRQRLSIPGGCCSFDLPTLHIWLHLQQAQRDAQIESWLASLN
PLTQALTLVLDLIRNSAPFRKQTSLNGFYQDNGDDADLLRLMLTLDSQLYPQISGHKSRFAIRFMPLDSENGLVPERLDF
ELACC
;
_entity_poly.pdbx_strand_id   A
#
# COMPACT_ATOMS: atom_id res chain seq x y z
N THR A 1 18.94 -10.03 -8.85
CA THR A 1 19.96 -9.55 -7.86
C THR A 1 19.50 -8.36 -7.02
N GLN A 2 18.65 -7.51 -7.58
CA GLN A 2 18.24 -6.27 -6.90
C GLN A 2 17.00 -6.44 -6.01
N VAL A 3 17.00 -5.69 -4.91
CA VAL A 3 15.91 -5.70 -3.92
C VAL A 3 15.45 -4.27 -3.61
N LEU A 4 14.15 -4.01 -3.81
CA LEU A 4 13.58 -2.68 -3.57
C LEU A 4 12.97 -2.58 -2.18
N PHE A 5 13.42 -1.60 -1.41
CA PHE A 5 12.82 -1.24 -0.12
C PHE A 5 12.20 0.14 -0.23
N GLU A 6 10.98 0.29 0.28
CA GLU A 6 10.33 1.60 0.33
C GLU A 6 10.12 1.97 1.78
N HIS A 7 10.19 3.28 2.08
CA HIS A 7 9.97 3.77 3.43
C HIS A 7 9.14 5.04 3.42
N PRO A 8 8.08 5.10 4.24
CA PRO A 8 7.25 6.29 4.33
C PRO A 8 7.92 7.36 5.17
N LEU A 9 7.86 8.61 4.72
CA LEU A 9 8.48 9.73 5.42
C LEU A 9 7.47 10.52 6.24
N ASN A 10 6.22 10.05 6.25
CA ASN A 10 5.19 10.60 7.11
C ASN A 10 4.13 9.55 7.41
N GLU A 11 3.22 9.87 8.31
CA GLU A 11 2.21 8.93 8.78
C GLU A 11 1.13 8.66 7.74
N LYS A 12 0.86 9.66 6.91
CA LYS A 12 -0.05 9.52 5.78
C LYS A 12 0.42 8.44 4.81
N MET A 13 1.69 8.54 4.41
CA MET A 13 2.27 7.60 3.44
C MET A 13 2.36 6.18 4.01
N ARG A 14 2.71 6.06 5.29
CA ARG A 14 2.69 4.77 5.99
C ARG A 14 1.30 4.15 5.91
N THR A 15 0.28 4.94 6.22
CA THR A 15 -1.09 4.49 6.06
C THR A 15 -1.33 4.00 4.64
N TRP A 16 -1.03 4.86 3.66
CA TRP A 16 -1.31 4.56 2.25
C TRP A 16 -0.61 3.31 1.75
N LEU A 17 0.63 3.10 2.18
CA LEU A 17 1.38 1.92 1.78
C LEU A 17 0.74 0.65 2.30
N ARG A 18 0.30 0.68 3.55
CA ARG A 18 -0.40 -0.45 4.13
C ARG A 18 -1.70 -0.77 3.40
N ILE A 19 -2.48 0.27 3.09
CA ILE A 19 -3.73 0.08 2.35
C ILE A 19 -3.47 -0.54 0.98
N GLU A 20 -2.43 -0.07 0.31
CA GLU A 20 -2.06 -0.61 -0.98
C GLU A 20 -1.81 -2.11 -0.87
N PHE A 21 -0.96 -2.48 0.07
CA PHE A 21 -0.58 -3.87 0.26
C PHE A 21 -1.81 -4.72 0.52
N LEU A 22 -2.61 -4.29 1.49
CA LEU A 22 -3.80 -5.04 1.88
C LEU A 22 -4.79 -5.22 0.73
N ILE A 23 -4.98 -4.19 -0.09
CA ILE A 23 -5.88 -4.28 -1.24
C ILE A 23 -5.32 -5.19 -2.33
N GLN A 24 -4.01 -5.23 -2.48
CA GLN A 24 -3.38 -6.16 -3.40
C GLN A 24 -3.61 -7.61 -2.96
N GLN A 25 -3.51 -7.85 -1.65
CA GLN A 25 -3.75 -9.17 -1.09
C GLN A 25 -5.19 -9.64 -1.31
N LEU A 26 -6.14 -8.73 -1.28
CA LEU A 26 -7.55 -9.07 -1.48
C LEU A 26 -7.83 -9.47 -2.94
N SER A 27 -7.08 -8.90 -3.87
CA SER A 27 -7.26 -9.19 -5.30
C SER A 27 -6.50 -10.44 -5.76
N ILE A 28 -5.54 -10.90 -4.97
CA ILE A 28 -4.65 -12.00 -5.37
C ILE A 28 -5.17 -13.40 -5.04
N ASN A 29 -6.23 -13.51 -4.23
CA ASN A 29 -6.68 -14.83 -3.74
C ASN A 29 -8.03 -15.34 -4.29
N LEU A 30 -8.64 -14.60 -5.22
CA LEU A 30 -9.86 -15.07 -5.89
C LEU A 30 -9.44 -16.23 -6.82
N PRO A 31 -10.25 -17.30 -6.91
CA PRO A 31 -11.50 -17.56 -6.21
C PRO A 31 -11.28 -18.20 -4.85
N ILE A 32 -12.21 -17.94 -3.93
CA ILE A 32 -12.13 -18.41 -2.56
C ILE A 32 -12.92 -19.72 -2.40
N ALA A 33 -12.20 -20.83 -2.20
CA ALA A 33 -12.80 -22.17 -2.19
C ALA A 33 -12.58 -22.98 -0.92
N ASP A 34 -11.86 -22.44 0.06
CA ASP A 34 -11.58 -23.16 1.31
C ASP A 34 -11.30 -22.20 2.46
N HIS A 35 -11.05 -22.75 3.65
CA HIS A 35 -10.76 -21.95 4.84
C HIS A 35 -9.49 -21.11 4.71
N ALA A 36 -8.47 -21.68 4.05
CA ALA A 36 -7.19 -20.98 3.87
C ALA A 36 -7.39 -19.67 3.12
N GLY A 37 -8.01 -19.74 1.95
CA GLY A 37 -8.28 -18.56 1.16
C GLY A 37 -9.26 -17.61 1.83
N ALA A 38 -10.21 -18.19 2.56
CA ALA A 38 -11.26 -17.40 3.20
C ALA A 38 -10.74 -16.61 4.39
N LEU A 39 -10.00 -17.28 5.27
CA LEU A 39 -9.42 -16.64 6.45
C LEU A 39 -8.40 -15.58 6.04
N HIS A 40 -7.62 -15.91 5.02
CA HIS A 40 -6.69 -14.96 4.44
C HIS A 40 -7.41 -13.71 3.95
N PHE A 41 -8.53 -13.91 3.26
CA PHE A 41 -9.34 -12.80 2.75
C PHE A 41 -9.86 -11.91 3.87
N PHE A 42 -10.56 -12.53 4.82
CA PHE A 42 -11.19 -11.80 5.92
C PHE A 42 -10.20 -11.14 6.86
N ARG A 43 -9.04 -11.77 7.09
CA ARG A 43 -7.96 -11.14 7.85
C ARG A 43 -7.53 -9.81 7.24
N ASN A 44 -7.38 -9.80 5.92
CA ASN A 44 -6.96 -8.61 5.19
C ASN A 44 -8.02 -7.51 5.19
N ILE A 45 -9.29 -7.89 5.10
CA ILE A 45 -10.37 -6.93 5.28
C ILE A 45 -10.40 -6.34 6.69
N SER A 46 -10.24 -7.19 7.69
CA SER A 46 -10.23 -6.75 9.08
C SER A 46 -9.05 -5.80 9.35
N ASP A 47 -7.87 -6.17 8.88
CA ASP A 47 -6.70 -5.30 8.97
C ASP A 47 -6.89 -3.98 8.22
N LEU A 48 -7.55 -4.03 7.09
CA LEU A 48 -7.81 -2.83 6.28
C LEU A 48 -8.71 -1.86 7.01
N LEU A 49 -9.73 -2.39 7.69
CA LEU A 49 -10.64 -1.56 8.47
C LEU A 49 -9.93 -0.91 9.65
N ASP A 50 -8.95 -1.61 10.22
CA ASP A 50 -8.14 -1.11 11.31
C ASP A 50 -7.14 -0.05 10.86
N VAL A 51 -6.58 -0.23 9.67
CA VAL A 51 -5.66 0.76 9.10
C VAL A 51 -6.40 2.07 8.85
N PHE A 52 -7.66 1.99 8.42
CA PHE A 52 -8.49 3.19 8.20
C PHE A 52 -8.62 4.11 9.43
N GLU A 53 -8.48 3.54 10.62
CA GLU A 53 -8.51 4.31 11.87
C GLU A 53 -7.29 5.19 12.11
N ARG A 54 -6.21 4.97 11.36
CA ARG A 54 -4.97 5.75 11.49
C ARG A 54 -5.05 7.16 10.91
N GLY A 55 -6.04 7.43 10.08
CA GLY A 55 -6.18 8.76 9.50
C GLY A 55 -7.48 8.94 8.75
N GLU A 56 -7.64 10.11 8.14
CA GLU A 56 -8.76 10.37 7.26
C GLU A 56 -8.29 10.13 5.83
N VAL A 57 -8.56 8.93 5.34
CA VAL A 57 -8.02 8.45 4.08
C VAL A 57 -8.63 9.16 2.88
N ARG A 58 -9.96 9.21 2.85
CA ARG A 58 -10.69 9.90 1.77
C ARG A 58 -10.24 11.34 1.65
N THR A 59 -10.18 12.01 2.80
CA THR A 59 -9.80 13.42 2.86
C THR A 59 -8.43 13.65 2.25
N GLU A 60 -7.44 12.90 2.73
CA GLU A 60 -6.08 13.07 2.25
C GLU A 60 -5.93 12.71 0.78
N LEU A 61 -6.70 11.73 0.32
CA LEU A 61 -6.67 11.32 -1.09
C LEU A 61 -7.28 12.36 -2.03
N LEU A 62 -8.36 13.00 -1.61
CA LEU A 62 -8.97 14.10 -2.37
C LEU A 62 -8.02 15.27 -2.56
N LYS A 63 -7.26 15.60 -1.52
CA LYS A 63 -6.25 16.66 -1.60
C LYS A 63 -5.10 16.29 -2.51
N GLU A 64 -4.61 15.06 -2.36
CA GLU A 64 -3.46 14.60 -3.13
C GLU A 64 -3.78 14.49 -4.62
N LEU A 65 -4.98 14.04 -4.96
CA LEU A 65 -5.42 13.97 -6.36
C LEU A 65 -5.34 15.34 -7.02
N GLU A 66 -5.88 16.36 -6.35
CA GLU A 66 -5.85 17.72 -6.89
C GLU A 66 -4.42 18.21 -6.96
N ARG A 67 -3.66 17.98 -5.89
CA ARG A 67 -2.25 18.34 -5.87
C ARG A 67 -1.50 17.75 -7.07
N GLN A 68 -1.76 16.48 -7.37
CA GLN A 68 -1.21 15.83 -8.56
C GLN A 68 -1.70 16.47 -9.86
N GLN A 69 -2.95 16.92 -9.88
CA GLN A 69 -3.46 17.69 -11.01
C GLN A 69 -2.68 19.00 -11.18
N ARG A 70 -2.37 19.65 -10.05
CA ARG A 70 -1.54 20.86 -10.07
C ARG A 70 -0.13 20.57 -10.55
N LYS A 71 0.49 19.51 -10.01
CA LYS A 71 1.85 19.13 -10.41
C LYS A 71 1.94 18.68 -11.88
N LEU A 72 0.80 18.34 -12.46
CA LEU A 72 0.71 17.98 -13.87
C LEU A 72 0.67 19.22 -14.77
N GLN A 73 -0.01 20.28 -14.33
CA GLN A 73 -0.15 21.48 -15.18
C GLN A 73 1.13 22.32 -15.32
N ALA A 74 2.18 21.95 -14.59
CA ALA A 74 3.52 22.49 -14.82
C ALA A 74 4.16 21.85 -16.05
N TRP A 75 3.89 20.57 -16.25
CA TRP A 75 4.43 19.79 -17.37
C TRP A 75 3.73 20.10 -18.71
N VAL A 76 2.68 20.91 -18.69
CA VAL A 76 1.91 21.26 -19.89
C VAL A 76 2.78 21.96 -20.93
N GLU A 77 3.45 23.04 -20.54
CA GLU A 77 4.32 23.78 -21.44
C GLU A 77 5.74 23.21 -21.42
N VAL A 78 5.87 21.99 -21.92
CA VAL A 78 7.16 21.30 -22.02
C VAL A 78 7.19 20.51 -23.32
N PRO A 79 7.88 21.04 -24.36
CA PRO A 79 8.08 20.30 -25.61
C PRO A 79 8.81 18.97 -25.42
N GLY A 80 8.35 17.94 -26.12
CA GLY A 80 8.83 16.57 -25.92
C GLY A 80 7.82 15.70 -25.18
N VAL A 81 6.89 16.35 -24.47
CA VAL A 81 5.86 15.65 -23.71
C VAL A 81 4.66 15.33 -24.59
N ASP A 82 4.14 14.12 -24.43
CA ASP A 82 2.89 13.74 -25.06
C ASP A 82 1.76 14.44 -24.33
N GLN A 83 1.00 15.26 -25.05
CA GLN A 83 -0.12 16.02 -24.47
C GLN A 83 -1.37 15.15 -24.32
N ASP A 84 -1.39 14.01 -25.00
CA ASP A 84 -2.47 13.04 -24.83
C ASP A 84 -2.35 12.34 -23.47
N ARG A 85 -1.10 12.03 -23.08
CA ARG A 85 -0.81 11.49 -21.75
C ARG A 85 -1.28 12.43 -20.64
N ILE A 86 -0.89 13.69 -20.76
CA ILE A 86 -1.21 14.70 -19.75
C ILE A 86 -2.71 14.87 -19.58
N GLU A 87 -3.43 15.01 -20.69
CA GLU A 87 -4.88 15.16 -20.65
C GLU A 87 -5.55 13.90 -20.12
N ALA A 88 -4.99 12.73 -20.44
CA ALA A 88 -5.56 11.46 -19.98
C ALA A 88 -5.37 11.28 -18.48
N LEU A 89 -4.16 11.57 -18.00
CA LEU A 89 -3.86 11.54 -16.56
C LEU A 89 -4.73 12.53 -15.78
N ARG A 90 -4.87 13.74 -16.33
CA ARG A 90 -5.75 14.76 -15.78
C ARG A 90 -7.17 14.24 -15.66
N GLN A 91 -7.63 13.57 -16.71
CA GLN A 91 -9.00 13.07 -16.76
C GLN A 91 -9.20 11.92 -15.78
N GLN A 92 -8.18 11.07 -15.66
CA GLN A 92 -8.18 9.99 -14.66
C GLN A 92 -8.25 10.53 -13.24
N LEU A 93 -7.45 11.56 -12.96
CA LEU A 93 -7.42 12.21 -11.66
C LEU A 93 -8.77 12.82 -11.32
N LYS A 94 -9.30 13.60 -12.26
CA LYS A 94 -10.60 14.25 -12.08
C LYS A 94 -11.69 13.22 -11.79
N SER A 95 -11.75 12.18 -12.58
CA SER A 95 -12.75 11.12 -12.40
C SER A 95 -12.60 10.44 -11.04
N ALA A 96 -11.37 10.14 -10.66
CA ALA A 96 -11.08 9.53 -9.36
C ALA A 96 -11.55 10.42 -8.23
N GLY A 97 -11.32 11.72 -8.38
CA GLY A 97 -11.80 12.70 -7.41
C GLY A 97 -13.31 12.68 -7.21
N SER A 98 -14.07 12.74 -8.30
CA SER A 98 -15.53 12.81 -8.21
C SER A 98 -16.18 11.47 -7.86
N VAL A 99 -15.52 10.37 -8.23
CA VAL A 99 -15.99 9.06 -7.81
C VAL A 99 -15.81 8.98 -6.30
N LEU A 100 -14.62 9.34 -5.83
CA LEU A 100 -14.29 9.26 -4.41
C LEU A 100 -15.16 10.16 -3.55
N ILE A 101 -15.42 11.37 -4.04
CA ILE A 101 -16.21 12.34 -3.31
C ILE A 101 -17.69 11.95 -3.23
N SER A 102 -18.17 11.26 -4.25
CA SER A 102 -19.57 10.81 -4.31
C SER A 102 -19.79 9.49 -3.57
N ALA A 103 -18.72 8.72 -3.39
CA ALA A 103 -18.82 7.38 -2.80
C ALA A 103 -19.32 7.44 -1.36
N PRO A 104 -19.90 6.33 -0.86
CA PRO A 104 -20.26 6.26 0.56
C PRO A 104 -19.04 6.32 1.49
N ARG A 105 -19.28 6.39 2.79
CA ARG A 105 -18.19 6.41 3.75
C ARG A 105 -17.33 5.17 3.55
N ILE A 106 -16.02 5.36 3.62
CA ILE A 106 -15.06 4.35 3.20
C ILE A 106 -15.21 3.07 4.03
N GLY A 107 -15.67 2.00 3.39
CA GLY A 107 -15.78 0.70 4.03
C GLY A 107 -16.77 0.64 5.19
N GLN A 108 -17.78 1.50 5.14
CA GLN A 108 -18.91 1.41 6.07
C GLN A 108 -19.72 0.19 5.69
N GLN A 109 -19.79 -0.06 4.38
CA GLN A 109 -20.48 -1.22 3.83
C GLN A 109 -19.84 -2.50 4.37
N LEU A 110 -18.52 -2.50 4.47
CA LEU A 110 -17.76 -3.63 4.99
C LEU A 110 -17.94 -3.83 6.49
N ARG A 111 -18.02 -2.73 7.24
CA ARG A 111 -18.30 -2.81 8.67
C ARG A 111 -19.69 -3.36 8.95
N GLU A 112 -20.67 -2.86 8.21
CA GLU A 112 -22.07 -3.27 8.38
C GLU A 112 -22.36 -4.70 7.94
N ASP A 113 -21.54 -5.25 7.05
CA ASP A 113 -21.75 -6.60 6.53
C ASP A 113 -21.76 -7.62 7.67
N ARG A 114 -22.83 -8.40 7.74
CA ARG A 114 -23.03 -9.36 8.84
C ARG A 114 -21.99 -10.47 8.86
N LEU A 115 -21.69 -11.02 7.70
CA LEU A 115 -20.68 -12.08 7.60
C LEU A 115 -19.27 -11.59 7.96
N ILE A 116 -18.94 -10.37 7.56
CA ILE A 116 -17.62 -9.81 7.87
C ILE A 116 -17.49 -9.58 9.36
N ALA A 117 -18.47 -8.88 9.94
CA ALA A 117 -18.48 -8.60 11.38
C ALA A 117 -18.35 -9.89 12.19
N LEU A 118 -19.07 -10.91 11.77
CA LEU A 118 -19.09 -12.19 12.46
C LEU A 118 -17.70 -12.80 12.52
N VAL A 119 -17.07 -12.91 11.36
CA VAL A 119 -15.72 -13.44 11.25
C VAL A 119 -14.72 -12.57 12.02
N ARG A 120 -14.93 -11.26 11.96
CA ARG A 120 -14.06 -10.29 12.61
C ARG A 120 -13.95 -10.51 14.12
N GLN A 121 -15.07 -10.86 14.75
CA GLN A 121 -15.08 -11.19 16.18
C GLN A 121 -14.23 -12.40 16.55
N ARG A 122 -14.15 -13.38 15.66
CA ARG A 122 -13.46 -14.65 15.94
C ARG A 122 -11.96 -14.64 15.65
N LEU A 123 -11.50 -13.66 14.89
CA LEU A 123 -10.08 -13.57 14.55
C LEU A 123 -9.20 -13.27 15.76
N SER A 124 -9.79 -12.64 16.77
CA SER A 124 -9.11 -12.36 18.04
C SER A 124 -8.71 -13.65 18.78
N ILE A 125 -9.53 -14.69 18.63
CA ILE A 125 -9.29 -15.97 19.28
C ILE A 125 -8.15 -16.70 18.56
N PRO A 126 -7.15 -17.20 19.30
CA PRO A 126 -6.00 -17.90 18.72
C PRO A 126 -6.32 -18.90 17.63
N GLY A 127 -7.01 -19.99 17.96
CA GLY A 127 -7.40 -20.96 16.93
C GLY A 127 -8.69 -20.52 16.27
N GLY A 128 -8.69 -19.28 15.83
CA GLY A 128 -9.91 -18.54 15.50
C GLY A 128 -11.03 -19.32 14.88
N CYS A 129 -10.73 -19.98 13.75
CA CYS A 129 -11.78 -20.62 12.97
C CYS A 129 -11.71 -22.13 12.87
N CYS A 130 -12.90 -22.70 12.86
CA CYS A 130 -13.15 -24.10 12.56
C CYS A 130 -14.67 -24.12 12.42
N SER A 131 -15.23 -25.21 11.91
CA SER A 131 -16.69 -25.33 11.81
C SER A 131 -17.38 -25.04 13.15
N PHE A 132 -16.72 -25.34 14.26
CA PHE A 132 -17.31 -25.11 15.59
C PHE A 132 -17.18 -23.68 16.07
N ASP A 133 -16.12 -22.99 15.66
CA ASP A 133 -15.97 -21.58 15.97
C ASP A 133 -16.78 -20.71 15.00
N LEU A 134 -16.71 -21.05 13.71
CA LEU A 134 -17.41 -20.31 12.65
C LEU A 134 -18.26 -21.21 11.76
N PRO A 135 -19.44 -21.62 12.25
CA PRO A 135 -20.34 -22.44 11.43
C PRO A 135 -20.84 -21.70 10.18
N THR A 136 -21.13 -20.41 10.33
CA THR A 136 -21.60 -19.57 9.21
C THR A 136 -20.57 -19.50 8.08
N LEU A 137 -19.30 -19.40 8.43
CA LEU A 137 -18.23 -19.46 7.44
C LEU A 137 -18.11 -20.85 6.79
N HIS A 138 -18.36 -21.89 7.58
CA HIS A 138 -18.26 -23.28 7.13
C HIS A 138 -19.28 -23.59 6.05
N ILE A 139 -20.53 -23.18 6.30
CA ILE A 139 -21.62 -23.38 5.35
C ILE A 139 -21.42 -22.52 4.10
N TRP A 140 -20.94 -21.29 4.29
CA TRP A 140 -20.60 -20.39 3.18
C TRP A 140 -19.67 -21.07 2.18
N LEU A 141 -18.71 -21.84 2.69
CA LEU A 141 -17.74 -22.54 1.84
C LEU A 141 -18.29 -23.81 1.17
N HIS A 142 -19.48 -24.23 1.56
CA HIS A 142 -20.15 -25.37 0.92
C HIS A 142 -21.08 -24.94 -0.21
N LEU A 143 -21.35 -23.63 -0.32
CA LEU A 143 -22.10 -23.07 -1.43
C LEU A 143 -21.33 -23.27 -2.74
N GLN A 144 -21.98 -22.93 -3.84
CA GLN A 144 -21.32 -23.00 -5.14
C GLN A 144 -20.45 -21.76 -5.34
N GLN A 145 -19.35 -21.93 -6.04
CA GLN A 145 -18.33 -20.89 -6.18
C GLN A 145 -18.91 -19.53 -6.61
N ALA A 146 -19.94 -19.56 -7.45
CA ALA A 146 -20.55 -18.35 -8.00
C ALA A 146 -21.28 -17.51 -6.94
N GLN A 147 -21.81 -18.15 -5.91
CA GLN A 147 -22.44 -17.42 -4.81
C GLN A 147 -21.41 -16.65 -3.98
N ARG A 148 -20.20 -17.20 -3.86
CA ARG A 148 -19.11 -16.53 -3.17
C ARG A 148 -18.51 -15.44 -4.05
N ASP A 149 -18.19 -15.81 -5.29
CA ASP A 149 -17.62 -14.87 -6.27
C ASP A 149 -18.41 -13.56 -6.37
N ALA A 150 -19.74 -13.67 -6.36
CA ALA A 150 -20.63 -12.50 -6.42
C ALA A 150 -20.56 -11.67 -5.16
N GLN A 151 -20.51 -12.34 -4.01
CA GLN A 151 -20.40 -11.66 -2.72
C GLN A 151 -19.04 -10.96 -2.60
N ILE A 152 -17.98 -11.65 -3.04
CA ILE A 152 -16.65 -11.09 -3.04
C ILE A 152 -16.58 -9.85 -3.92
N GLU A 153 -17.18 -9.92 -5.10
CA GLU A 153 -17.07 -8.85 -6.09
C GLU A 153 -17.74 -7.56 -5.62
N SER A 154 -18.90 -7.69 -4.98
CA SER A 154 -19.59 -6.51 -4.42
C SER A 154 -18.80 -5.90 -3.26
N TRP A 155 -18.11 -6.73 -2.49
CA TRP A 155 -17.22 -6.23 -1.43
C TRP A 155 -16.05 -5.43 -2.01
N LEU A 156 -15.39 -6.00 -3.01
CA LEU A 156 -14.26 -5.32 -3.66
C LEU A 156 -14.69 -4.08 -4.44
N ALA A 157 -15.91 -4.07 -4.97
CA ALA A 157 -16.41 -2.94 -5.75
C ALA A 157 -16.60 -1.72 -4.88
N SER A 158 -17.03 -1.94 -3.64
CA SER A 158 -17.23 -0.83 -2.69
C SER A 158 -15.91 -0.17 -2.26
N LEU A 159 -14.79 -0.86 -2.52
CA LEU A 159 -13.45 -0.30 -2.33
C LEU A 159 -12.87 0.35 -3.58
N ASN A 160 -13.50 0.13 -4.73
CA ASN A 160 -13.00 0.65 -5.99
C ASN A 160 -12.66 2.16 -5.98
N PRO A 161 -13.56 3.01 -5.42
CA PRO A 161 -13.24 4.45 -5.33
C PRO A 161 -11.89 4.73 -4.65
N LEU A 162 -11.66 4.07 -3.53
CA LEU A 162 -10.40 4.17 -2.80
C LEU A 162 -9.23 3.59 -3.62
N THR A 163 -9.43 2.39 -4.14
CA THR A 163 -8.42 1.70 -4.92
C THR A 163 -7.98 2.53 -6.13
N GLN A 164 -8.94 3.07 -6.87
CA GLN A 164 -8.61 3.82 -8.06
C GLN A 164 -7.77 5.04 -7.71
N ALA A 165 -8.19 5.77 -6.68
CA ALA A 165 -7.48 6.98 -6.24
C ALA A 165 -6.07 6.67 -5.78
N LEU A 166 -5.94 5.65 -4.94
CA LEU A 166 -4.67 5.32 -4.32
C LEU A 166 -3.66 4.76 -5.32
N THR A 167 -4.11 3.88 -6.18
CA THR A 167 -3.28 3.36 -7.26
C THR A 167 -2.71 4.52 -8.08
N LEU A 168 -3.60 5.46 -8.42
CA LEU A 168 -3.22 6.68 -9.13
C LEU A 168 -2.14 7.49 -8.43
N VAL A 169 -2.41 7.92 -7.21
CA VAL A 169 -1.48 8.84 -6.52
C VAL A 169 -0.12 8.20 -6.26
N LEU A 170 -0.11 6.95 -5.83
CA LEU A 170 1.15 6.27 -5.48
C LEU A 170 2.02 6.05 -6.70
N ASP A 171 1.37 5.72 -7.82
CA ASP A 171 2.10 5.57 -9.08
C ASP A 171 2.77 6.90 -9.47
N LEU A 172 2.00 7.99 -9.41
CA LEU A 172 2.54 9.31 -9.73
C LEU A 172 3.68 9.72 -8.79
N ILE A 173 3.51 9.46 -7.51
CA ILE A 173 4.54 9.78 -6.53
C ILE A 173 5.79 8.97 -6.84
N ARG A 174 5.64 7.65 -6.97
CA ARG A 174 6.75 6.76 -7.31
C ARG A 174 7.53 7.19 -8.56
N ASN A 175 6.85 7.76 -9.54
CA ASN A 175 7.50 8.27 -10.76
C ASN A 175 7.83 9.77 -10.73
N SER A 176 7.64 10.42 -9.59
CA SER A 176 7.94 11.85 -9.46
C SER A 176 9.42 12.13 -9.28
N ALA A 177 10.21 11.11 -9.01
CA ALA A 177 11.63 11.31 -8.72
C ALA A 177 12.46 10.13 -9.20
N PRO A 178 13.63 10.43 -9.79
CA PRO A 178 14.49 9.39 -10.31
C PRO A 178 15.39 8.80 -9.24
N PHE A 179 15.90 7.60 -9.50
CA PHE A 179 16.90 7.00 -8.64
C PHE A 179 18.25 7.64 -8.86
N ARG A 180 19.01 7.76 -7.78
CA ARG A 180 20.36 8.29 -7.83
C ARG A 180 21.27 7.41 -7.00
N LYS A 181 22.50 7.26 -7.45
CA LYS A 181 23.49 6.45 -6.74
C LYS A 181 23.98 7.20 -5.49
N GLN A 182 24.16 6.47 -4.41
CA GLN A 182 24.72 7.02 -3.17
C GLN A 182 25.66 6.01 -2.55
N THR A 183 26.41 6.46 -1.54
CA THR A 183 27.34 5.59 -0.84
C THR A 183 27.16 5.68 0.68
N SER A 184 27.20 4.53 1.33
CA SER A 184 27.22 4.43 2.79
C SER A 184 28.60 3.97 3.26
N LEU A 185 29.16 4.70 4.22
CA LEU A 185 30.44 4.35 4.83
C LEU A 185 30.22 3.72 6.20
N ASN A 186 30.70 2.49 6.35
CA ASN A 186 30.52 1.69 7.57
C ASN A 186 29.06 1.53 7.94
N GLY A 187 28.27 1.12 6.94
CA GLY A 187 26.85 0.81 7.13
C GLY A 187 25.94 1.94 7.57
N PHE A 188 26.40 3.19 7.49
CA PHE A 188 25.62 4.33 7.96
C PHE A 188 25.39 5.37 6.86
N TYR A 189 24.25 6.05 6.96
CA TYR A 189 23.83 7.07 5.98
C TYR A 189 22.74 7.95 6.57
N GLN A 190 22.71 9.21 6.14
CA GLN A 190 21.71 10.17 6.62
C GLN A 190 21.59 11.38 5.71
N ASP A 191 20.37 11.93 5.63
CA ASP A 191 20.10 13.14 4.84
C ASP A 191 18.71 13.67 5.15
N ASN A 192 18.48 14.94 4.82
CA ASN A 192 17.14 15.51 4.81
C ASN A 192 16.39 15.07 3.56
N GLY A 193 15.28 14.36 3.75
CA GLY A 193 14.40 13.99 2.65
C GLY A 193 13.54 15.15 2.16
N ASP A 194 13.74 16.34 2.71
CA ASP A 194 12.96 17.54 2.36
C ASP A 194 11.54 17.37 2.94
N ASP A 195 10.51 17.58 2.13
CA ASP A 195 9.16 17.14 2.47
C ASP A 195 8.68 16.08 1.48
N ALA A 196 9.60 15.17 1.14
CA ALA A 196 9.25 14.00 0.34
C ALA A 196 8.35 13.12 1.19
N ASP A 197 7.46 12.40 0.50
CA ASP A 197 6.56 11.46 1.16
C ASP A 197 7.15 10.04 1.26
N LEU A 198 7.98 9.65 0.30
CA LEU A 198 8.44 8.28 0.18
C LEU A 198 9.93 8.17 -0.14
N LEU A 199 10.60 7.26 0.57
CA LEU A 199 11.94 6.81 0.21
C LEU A 199 11.82 5.51 -0.58
N ARG A 200 12.67 5.37 -1.57
CA ARG A 200 12.77 4.16 -2.36
C ARG A 200 14.24 3.80 -2.47
N LEU A 201 14.58 2.58 -2.08
CA LEU A 201 15.97 2.21 -1.86
C LEU A 201 16.24 0.84 -2.46
N MET A 202 17.20 0.75 -3.38
CA MET A 202 17.58 -0.54 -3.97
C MET A 202 18.94 -1.01 -3.50
N LEU A 203 19.00 -2.29 -3.13
CA LEU A 203 20.25 -2.97 -2.79
C LEU A 203 20.35 -4.22 -3.65
N THR A 204 21.49 -4.90 -3.56
CA THR A 204 21.67 -6.21 -4.16
C THR A 204 21.51 -7.27 -3.08
N LEU A 205 20.93 -8.42 -3.47
CA LEU A 205 20.81 -9.56 -2.56
C LEU A 205 22.19 -10.16 -2.28
N ASP A 206 23.10 -10.06 -3.24
CA ASP A 206 24.48 -10.53 -3.08
C ASP A 206 25.25 -9.81 -1.97
N SER A 207 24.83 -8.59 -1.64
CA SER A 207 25.37 -7.86 -0.49
C SER A 207 25.03 -8.56 0.82
N GLN A 208 23.89 -9.25 0.83
CA GLN A 208 23.37 -9.94 2.02
C GLN A 208 23.26 -8.97 3.20
N LEU A 209 22.58 -7.86 2.91
CA LEU A 209 22.32 -6.77 3.87
C LEU A 209 20.86 -6.35 3.77
N TYR A 210 20.41 -5.56 4.75
CA TYR A 210 19.09 -4.93 4.70
C TYR A 210 19.07 -3.62 5.49
N PRO A 211 18.27 -2.64 5.05
CA PRO A 211 18.24 -1.33 5.68
C PRO A 211 17.24 -1.21 6.83
N GLN A 212 17.65 -0.53 7.89
CA GLN A 212 16.76 -0.17 8.98
C GLN A 212 16.71 1.34 9.07
N ILE A 213 15.59 1.92 8.64
CA ILE A 213 15.48 3.36 8.50
C ILE A 213 14.83 3.99 9.73
N SER A 214 15.55 4.94 10.34
CA SER A 214 15.07 5.70 11.48
C SER A 214 14.65 7.09 10.99
N GLY A 215 14.54 8.05 11.91
CA GLY A 215 14.24 9.44 11.56
C GLY A 215 13.21 10.03 12.50
N HIS A 216 13.09 11.36 12.49
CA HIS A 216 12.09 12.05 13.33
C HIS A 216 10.97 12.71 12.51
N LYS A 217 11.32 13.54 11.52
CA LYS A 217 10.34 14.20 10.65
C LYS A 217 10.58 13.89 9.17
N SER A 218 11.82 14.05 8.75
CA SER A 218 12.23 13.87 7.35
C SER A 218 13.70 13.50 7.27
N ARG A 219 14.53 14.21 8.05
CA ARG A 219 15.89 13.77 8.34
C ARG A 219 15.91 12.27 8.66
N PHE A 220 16.26 11.48 7.65
CA PHE A 220 16.26 10.02 7.79
C PHE A 220 17.66 9.50 8.06
N ALA A 221 17.73 8.32 8.67
CA ALA A 221 18.99 7.66 8.96
C ALA A 221 18.85 6.17 8.64
N ILE A 222 19.89 5.60 8.05
CA ILE A 222 19.87 4.20 7.62
C ILE A 222 21.03 3.42 8.20
N ARG A 223 20.72 2.24 8.74
CA ARG A 223 21.73 1.28 9.15
C ARG A 223 21.59 0.06 8.27
N PHE A 224 22.65 -0.29 7.56
CA PHE A 224 22.64 -1.47 6.69
C PHE A 224 23.12 -2.65 7.50
N MET A 225 22.18 -3.55 7.81
CA MET A 225 22.41 -4.66 8.71
C MET A 225 22.58 -5.95 7.92
N PRO A 226 23.43 -6.87 8.42
CA PRO A 226 23.45 -8.22 7.82
C PRO A 226 22.28 -9.06 8.32
N LEU A 227 21.94 -10.09 7.56
CA LEU A 227 20.86 -11.01 7.95
C LEU A 227 21.30 -11.87 9.12
N ASP A 228 22.46 -12.51 8.97
CA ASP A 228 23.10 -13.25 10.04
C ASP A 228 23.80 -12.27 10.97
N SER A 229 23.31 -12.17 12.21
CA SER A 229 23.82 -11.19 13.17
C SER A 229 25.03 -11.67 13.99
N GLU A 230 25.71 -12.71 13.50
CA GLU A 230 27.01 -13.11 14.05
C GLU A 230 28.05 -13.16 12.92
N ASN A 231 27.79 -13.99 11.92
CA ASN A 231 28.65 -14.12 10.75
C ASN A 231 28.71 -12.87 9.89
N GLY A 232 27.62 -12.11 9.87
CA GLY A 232 27.49 -10.95 8.98
C GLY A 232 28.46 -9.81 9.27
N LEU A 233 29.20 -9.44 8.24
CA LEU A 233 30.07 -8.26 8.27
C LEU A 233 29.45 -7.13 7.44
N VAL A 234 29.58 -5.91 7.93
CA VAL A 234 29.15 -4.72 7.18
C VAL A 234 30.33 -4.19 6.35
N PRO A 235 30.13 -3.98 5.04
CA PRO A 235 31.20 -3.39 4.23
C PRO A 235 31.59 -1.98 4.67
N GLU A 236 32.86 -1.62 4.52
CA GLU A 236 33.32 -0.27 4.86
C GLU A 236 32.79 0.76 3.86
N ARG A 237 32.50 0.30 2.65
CA ARG A 237 31.81 1.10 1.65
C ARG A 237 30.74 0.28 0.95
N LEU A 238 29.57 0.87 0.80
CA LEU A 238 28.45 0.25 0.08
C LEU A 238 27.79 1.29 -0.80
N ASP A 239 27.62 0.96 -2.07
CA ASP A 239 26.86 1.80 -2.99
C ASP A 239 25.47 1.22 -3.14
N PHE A 240 24.50 2.10 -3.34
CA PHE A 240 23.11 1.71 -3.48
C PHE A 240 22.37 2.80 -4.24
N GLU A 241 21.12 2.50 -4.58
CA GLU A 241 20.27 3.42 -5.32
C GLU A 241 19.27 4.03 -4.36
N LEU A 242 18.95 5.30 -4.57
CA LEU A 242 18.02 6.02 -3.70
C LEU A 242 17.20 7.04 -4.49
N ALA A 243 15.89 7.01 -4.28
CA ALA A 243 14.99 8.02 -4.81
C ALA A 243 14.16 8.58 -3.66
N CYS A 244 14.12 9.91 -3.54
CA CYS A 244 13.24 10.56 -2.58
C CYS A 244 12.03 11.15 -3.30
N CYS A 245 10.87 10.56 -3.05
CA CYS A 245 9.62 10.98 -3.68
C CYS A 245 8.75 11.72 -2.68
#